data_7SUF
#
_entry.id   7SUF
#
_cell.length_a   44.810
_cell.length_b   65.950
_cell.length_c   57.990
_cell.angle_alpha   90.000
_cell.angle_beta   94.120
_cell.angle_gamma   90.000
#
_symmetry.space_group_name_H-M   'P 1 21 1'
#
loop_
_entity.id
_entity.type
_entity.pdbx_description
1 polymer 'Serine/threonine-protein kinase Chk1'
2 non-polymer 8-cyclopropyl-N-[5-methyl-1-(oxan-4-yl)-1H-pyrazol-4-yl]quinazolin-2-amine
3 non-polymer 1,2-ETHANEDIOL
4 water water
#
_entity_poly.entity_id   1
_entity_poly.type   'polypeptide(L)'
_entity_poly.pdbx_seq_one_letter_code
;MAVPFVEDWDLVQTLGEGAYGEVQLAVNRVTEEAVAVKIVDMKRAVDCPENIKKEICILKMLNHENVIKFYGHRREGNIQ
YLFMELASGGSLFDRIEPDIGMPEPDAQRFFHQLMAGVVYLHGIGITHRDIKPHNLLLDERDNLKIADYSLATVFRYNNR
ERLLNKMCGTLPYVAPELLKRREFHAEPVDVWSCGIVLTAMLAGELPWDQPSDSCQEYSDWKEKKTYLNPWKKIDSAPLA
LLHKILVENPSARITIPDIKKDRWYNKPLKKGAKRPRVTSGGVSESPSGHHHHHHHH
;
_entity_poly.pdbx_strand_id   A
#
loop_
_chem_comp.id
_chem_comp.type
_chem_comp.name
_chem_comp.formula
BVI non-polymer 8-cyclopropyl-N-[5-methyl-1-(oxan-4-yl)-1H-pyrazol-4-yl]quinazolin-2-amine 'C20 H23 N5 O'
EDO non-polymer 1,2-ETHANEDIOL 'C2 H6 O2'
#
# COMPACT_ATOMS: atom_id res chain seq x y z
N VAL A 3 -26.10 -26.17 -9.31
CA VAL A 3 -25.04 -27.25 -9.29
C VAL A 3 -24.73 -27.63 -7.83
N PRO A 4 -24.97 -28.92 -7.44
CA PRO A 4 -24.55 -29.21 -6.08
C PRO A 4 -23.04 -28.95 -5.82
N PHE A 5 -22.74 -28.61 -4.57
CA PHE A 5 -21.39 -28.45 -4.05
C PHE A 5 -20.62 -27.21 -4.49
N VAL A 6 -21.20 -26.28 -5.27
CA VAL A 6 -20.39 -25.11 -5.72
C VAL A 6 -20.21 -24.08 -4.57
N GLU A 7 -20.98 -24.23 -3.50
CA GLU A 7 -20.81 -23.44 -2.29
C GLU A 7 -19.57 -23.77 -1.46
N ASP A 8 -18.88 -24.89 -1.74
CA ASP A 8 -17.85 -25.45 -0.86
C ASP A 8 -16.43 -25.12 -1.32
N TRP A 9 -15.63 -24.68 -0.34
CA TRP A 9 -14.26 -24.32 -0.57
C TRP A 9 -13.34 -25.09 0.35
N ASP A 10 -12.29 -25.67 -0.18
CA ASP A 10 -11.23 -26.30 0.64
C ASP A 10 -10.16 -25.27 0.97
N LEU A 11 -9.72 -25.25 2.23
CA LEU A 11 -8.59 -24.41 2.70
C LEU A 11 -7.28 -25.17 2.56
N VAL A 12 -6.35 -24.65 1.78
CA VAL A 12 -5.26 -25.46 1.25
C VAL A 12 -3.84 -24.93 1.60
N GLN A 13 -3.70 -23.65 1.95
CA GLN A 13 -2.37 -23.07 2.24
C GLN A 13 -2.58 -21.85 3.11
N THR A 14 -1.69 -21.67 4.08
CA THR A 14 -1.72 -20.44 4.86
C THR A 14 -0.93 -19.36 4.13
N LEU A 15 -1.57 -18.23 3.94
CA LEU A 15 -0.98 -17.07 3.28
C LEU A 15 -0.49 -15.96 4.26
N GLY A 16 -1.02 -15.96 5.47
CA GLY A 16 -0.57 -15.03 6.50
C GLY A 16 -1.26 -15.26 7.84
N GLU A 17 -0.56 -14.93 8.93
CA GLU A 17 -1.09 -15.06 10.30
C GLU A 17 -0.75 -13.82 11.06
N GLY A 18 -1.72 -13.27 11.78
CA GLY A 18 -1.49 -12.11 12.64
C GLY A 18 -2.41 -12.15 13.84
N ALA A 19 -2.46 -11.04 14.56
CA ALA A 19 -3.40 -10.89 15.69
C ALA A 19 -4.84 -10.84 15.18
N TYR A 20 -5.00 -10.36 13.94
CA TYR A 20 -6.31 -10.38 13.24
C TYR A 20 -6.96 -11.76 13.10
N GLY A 21 -6.14 -12.81 13.01
CA GLY A 21 -6.58 -14.13 12.58
C GLY A 21 -5.60 -14.61 11.52
N GLU A 22 -6.11 -15.21 10.44
CA GLU A 22 -5.30 -15.82 9.37
C GLU A 22 -5.89 -15.58 8.00
N VAL A 23 -5.08 -15.86 6.99
CA VAL A 23 -5.52 -15.81 5.59
C VAL A 23 -5.16 -17.12 4.96
N GLN A 24 -6.15 -17.67 4.27
CA GLN A 24 -6.05 -18.99 3.72
C GLN A 24 -6.32 -18.91 2.25
N LEU A 25 -5.57 -19.72 1.50
CA LEU A 25 -5.86 -19.89 0.08
C LEU A 25 -6.99 -20.92 0.03
N ALA A 26 -8.09 -20.52 -0.62
CA ALA A 26 -9.27 -21.39 -0.75
C ALA A 26 -9.50 -21.76 -2.20
N VAL A 27 -9.93 -23.01 -2.41
CA VAL A 27 -10.09 -23.61 -3.75
C VAL A 27 -11.42 -24.29 -3.81
N ASN A 28 -12.23 -23.87 -4.78
CA ASN A 28 -13.60 -24.34 -4.86
C ASN A 28 -13.63 -25.78 -5.30
N ARG A 29 -14.43 -26.53 -4.56
CA ARG A 29 -14.54 -27.93 -4.71
C ARG A 29 -14.93 -28.31 -6.11
N VAL A 30 -15.84 -27.56 -6.74
CA VAL A 30 -16.34 -27.90 -8.06
C VAL A 30 -15.49 -27.25 -9.15
N THR A 31 -15.31 -25.92 -9.05
CA THR A 31 -14.70 -25.14 -10.14
C THR A 31 -13.20 -25.02 -10.13
N GLU A 32 -12.61 -25.30 -8.98
CA GLU A 32 -11.22 -25.05 -8.71
C GLU A 32 -10.81 -23.55 -8.76
N GLU A 33 -11.78 -22.63 -8.74
CA GLU A 33 -11.48 -21.22 -8.54
C GLU A 33 -10.66 -21.04 -7.23
N ALA A 34 -9.59 -20.26 -7.26
CA ALA A 34 -8.78 -19.98 -6.08
C ALA A 34 -9.07 -18.56 -5.57
N VAL A 35 -9.34 -18.44 -4.28
CA VAL A 35 -9.49 -17.13 -3.66
C VAL A 35 -8.69 -17.12 -2.38
N ALA A 36 -8.65 -15.93 -1.76
CA ALA A 36 -8.07 -15.68 -0.44
C ALA A 36 -9.24 -15.46 0.55
N VAL A 37 -9.17 -16.13 1.70
CA VAL A 37 -10.21 -16.08 2.72
C VAL A 37 -9.56 -15.54 3.99
N LYS A 38 -9.96 -14.35 4.44
CA LYS A 38 -9.50 -13.80 5.73
C LYS A 38 -10.47 -14.30 6.80
N ILE A 39 -9.92 -14.96 7.80
CA ILE A 39 -10.70 -15.63 8.85
C ILE A 39 -10.40 -14.93 10.19
N VAL A 40 -11.43 -14.40 10.82
CA VAL A 40 -11.26 -13.68 12.09
C VAL A 40 -12.21 -14.21 13.20
N ASP A 41 -11.76 -14.04 14.45
CA ASP A 41 -12.55 -14.31 15.65
C ASP A 41 -12.93 -13.03 16.35
N PRO A 49 -15.28 -6.72 15.79
CA PRO A 49 -16.75 -6.62 15.87
C PRO A 49 -17.31 -5.36 15.17
N GLU A 50 -17.01 -4.18 15.74
CA GLU A 50 -17.24 -2.89 15.09
C GLU A 50 -16.18 -2.63 14.02
N ASN A 51 -14.96 -3.11 14.26
CA ASN A 51 -13.83 -2.93 13.36
C ASN A 51 -13.95 -3.73 12.09
N ILE A 52 -14.32 -5.01 12.23
CA ILE A 52 -14.55 -5.86 11.07
C ILE A 52 -15.72 -5.36 10.28
N LYS A 53 -16.77 -4.86 10.98
CA LYS A 53 -17.92 -4.17 10.35
C LYS A 53 -17.51 -2.97 9.45
N LYS A 54 -16.60 -2.14 9.95
CA LYS A 54 -16.06 -0.99 9.20
C LYS A 54 -15.27 -1.47 7.97
N GLU A 55 -14.44 -2.49 8.19
CA GLU A 55 -13.56 -3.07 7.19
C GLU A 55 -14.38 -3.64 6.04
N ILE A 56 -15.42 -4.44 6.37
CA ILE A 56 -16.32 -5.01 5.34
C ILE A 56 -16.99 -3.90 4.53
N CYS A 57 -17.37 -2.84 5.20
CA CYS A 57 -18.04 -1.74 4.55
C CYS A 57 -17.11 -1.04 3.49
N ILE A 58 -15.85 -0.78 3.84
CA ILE A 58 -14.85 -0.25 2.90
C ILE A 58 -14.59 -1.28 1.75
N LEU A 59 -14.56 -2.58 2.08
CA LEU A 59 -14.20 -3.67 1.15
C LEU A 59 -15.21 -3.76 0.01
N LYS A 60 -16.48 -3.61 0.38
CA LYS A 60 -17.59 -3.48 -0.60
C LYS A 60 -17.54 -2.32 -1.51
N MET A 61 -16.86 -1.25 -1.14
CA MET A 61 -16.74 -0.09 -2.04
C MET A 61 -15.68 -0.25 -3.14
N LEU A 62 -14.80 -1.27 -3.05
CA LEU A 62 -13.61 -1.43 -3.93
C LEU A 62 -13.78 -2.17 -5.29
N ASN A 63 -13.48 -1.48 -6.37
CA ASN A 63 -13.65 -2.08 -7.70
C ASN A 63 -12.66 -1.41 -8.64
N HIS A 64 -11.44 -1.89 -8.57
CA HIS A 64 -10.38 -1.40 -9.47
C HIS A 64 -9.34 -2.51 -9.60
N GLU A 65 -8.75 -2.62 -10.80
CA GLU A 65 -7.71 -3.61 -11.12
C GLU A 65 -6.44 -3.61 -10.24
N ASN A 66 -6.11 -2.50 -9.58
CA ASN A 66 -4.95 -2.39 -8.64
C ASN A 66 -5.32 -2.35 -7.15
N VAL A 67 -6.57 -2.72 -6.80
CA VAL A 67 -6.97 -2.88 -5.38
CA VAL A 67 -7.02 -2.83 -5.41
C VAL A 67 -7.55 -4.30 -5.26
N ILE A 68 -7.28 -4.98 -4.18
CA ILE A 68 -7.86 -6.37 -3.96
C ILE A 68 -9.41 -6.28 -3.95
N LYS A 69 -10.10 -7.13 -4.72
CA LYS A 69 -11.60 -7.20 -4.79
C LYS A 69 -12.18 -8.04 -3.67
N PHE A 70 -13.25 -7.56 -3.10
CA PHE A 70 -14.02 -8.27 -2.09
C PHE A 70 -15.18 -9.01 -2.76
N TYR A 71 -15.28 -10.31 -2.51
CA TYR A 71 -16.37 -11.11 -3.01
C TYR A 71 -17.56 -11.31 -2.10
N GLY A 72 -17.36 -11.16 -0.79
CA GLY A 72 -18.46 -11.13 0.19
C GLY A 72 -18.05 -11.93 1.41
N HIS A 73 -18.89 -11.97 2.44
CA HIS A 73 -18.50 -12.63 3.69
C HIS A 73 -19.60 -13.59 4.22
N ARG A 74 -19.16 -14.67 4.85
CA ARG A 74 -20.03 -15.56 5.70
C ARG A 74 -19.65 -15.45 7.18
N ARG A 75 -20.62 -15.38 8.09
CA ARG A 75 -20.36 -15.64 9.52
C ARG A 75 -20.85 -17.06 9.94
N GLU A 76 -19.96 -17.81 10.60
CA GLU A 76 -20.32 -19.08 11.27
C GLU A 76 -19.91 -18.98 12.73
N GLY A 77 -20.90 -18.88 13.61
CA GLY A 77 -20.67 -18.64 15.03
C GLY A 77 -20.30 -17.19 15.24
N ASN A 78 -19.16 -16.95 15.89
CA ASN A 78 -18.52 -15.63 15.97
C ASN A 78 -17.23 -15.57 15.11
N ILE A 79 -17.05 -16.53 14.18
CA ILE A 79 -16.00 -16.50 13.12
C ILE A 79 -16.49 -15.89 11.79
N GLN A 80 -15.84 -14.79 11.35
CA GLN A 80 -16.13 -14.09 10.07
C GLN A 80 -15.14 -14.62 9.02
N TYR A 81 -15.63 -14.98 7.81
CA TYR A 81 -14.79 -15.42 6.68
C TYR A 81 -14.91 -14.35 5.61
N LEU A 82 -13.80 -13.72 5.25
CA LEU A 82 -13.82 -12.64 4.23
C LEU A 82 -13.23 -13.18 2.94
N PHE A 83 -14.04 -13.31 1.89
CA PHE A 83 -13.56 -13.87 0.61
C PHE A 83 -13.07 -12.72 -0.24
N MET A 84 -11.87 -12.88 -0.76
CA MET A 84 -11.35 -11.84 -1.66
C MET A 84 -10.48 -12.36 -2.75
N GLU A 85 -10.19 -11.44 -3.66
CA GLU A 85 -9.30 -11.74 -4.77
C GLU A 85 -7.99 -12.32 -4.27
N LEU A 86 -7.56 -13.39 -4.93
CA LEU A 86 -6.25 -13.99 -4.68
C LEU A 86 -5.22 -13.40 -5.62
N ALA A 87 -4.05 -13.06 -5.08
CA ALA A 87 -2.89 -12.65 -5.85
C ALA A 87 -1.81 -13.73 -5.70
N SER A 88 -1.71 -14.63 -6.70
CA SER A 88 -0.89 -15.87 -6.62
C SER A 88 0.63 -15.64 -6.61
N GLY A 89 1.09 -14.47 -7.03
CA GLY A 89 2.48 -14.11 -6.95
C GLY A 89 2.98 -13.52 -5.63
N GLY A 90 2.15 -13.41 -4.61
CA GLY A 90 2.64 -12.98 -3.31
C GLY A 90 2.84 -11.50 -3.18
N SER A 91 3.75 -11.07 -2.27
CA SER A 91 3.88 -9.66 -1.99
C SER A 91 5.08 -9.11 -2.70
N LEU A 92 4.99 -7.81 -2.91
CA LEU A 92 6.06 -7.04 -3.45
C LEU A 92 7.31 -7.11 -2.52
N PHE A 93 7.09 -7.28 -1.21
CA PHE A 93 8.23 -7.39 -0.29
C PHE A 93 9.23 -8.43 -0.78
N ASP A 94 8.71 -9.53 -1.32
CA ASP A 94 9.57 -10.65 -1.70
C ASP A 94 10.20 -10.51 -3.05
N ARG A 95 9.87 -9.44 -3.78
CA ARG A 95 10.60 -9.07 -5.01
C ARG A 95 11.71 -8.06 -4.81
N ILE A 96 11.88 -7.59 -3.59
CA ILE A 96 12.89 -6.63 -3.32
C ILE A 96 14.11 -7.40 -2.79
N GLU A 97 15.24 -7.27 -3.46
CA GLU A 97 16.48 -7.92 -3.01
C GLU A 97 17.15 -7.04 -1.96
N PRO A 98 17.49 -7.60 -0.79
CA PRO A 98 18.08 -6.68 0.22
C PRO A 98 19.38 -6.03 -0.24
N ASP A 99 19.46 -4.74 -0.04
CA ASP A 99 20.59 -3.94 -0.46
C ASP A 99 20.77 -3.69 -1.93
N ILE A 100 19.86 -4.17 -2.78
CA ILE A 100 19.96 -3.98 -4.23
C ILE A 100 18.65 -3.30 -4.71
N GLY A 101 17.52 -3.81 -4.28
CA GLY A 101 16.22 -3.33 -4.76
C GLY A 101 15.70 -4.20 -5.89
N MET A 102 15.40 -3.60 -7.03
CA MET A 102 15.03 -4.43 -8.24
C MET A 102 15.41 -3.54 -9.49
N PRO A 103 15.29 -4.11 -10.67
CA PRO A 103 15.57 -3.29 -11.84
C PRO A 103 14.62 -2.10 -11.99
N GLU A 104 15.17 -0.94 -12.34
CA GLU A 104 14.45 0.33 -12.41
C GLU A 104 13.23 0.25 -13.28
N PRO A 105 13.27 -0.50 -14.40
CA PRO A 105 11.97 -0.56 -15.14
C PRO A 105 10.81 -1.30 -14.36
N ASP A 106 11.17 -2.41 -13.68
CA ASP A 106 10.20 -3.14 -12.89
C ASP A 106 9.65 -2.23 -11.79
N ALA A 107 10.53 -1.48 -11.13
CA ALA A 107 10.16 -0.59 -10.08
C ALA A 107 9.24 0.50 -10.61
N GLN A 108 9.60 1.08 -11.75
CA GLN A 108 8.69 2.09 -12.32
C GLN A 108 7.30 1.55 -12.64
N ARG A 109 7.19 0.35 -13.22
CA ARG A 109 5.95 -0.26 -13.57
C ARG A 109 5.08 -0.47 -12.28
N PHE A 110 5.73 -0.99 -11.23
CA PHE A 110 5.03 -1.18 -9.90
C PHE A 110 4.55 0.16 -9.38
N PHE A 111 5.34 1.22 -9.56
CA PHE A 111 5.00 2.53 -9.03
C PHE A 111 3.83 3.17 -9.80
N HIS A 112 3.80 2.97 -11.12
CA HIS A 112 2.64 3.29 -11.91
C HIS A 112 1.39 2.59 -11.40
N GLN A 113 1.41 1.29 -11.12
CA GLN A 113 0.24 0.57 -10.67
C GLN A 113 -0.19 1.00 -9.25
N LEU A 114 0.83 1.28 -8.44
CA LEU A 114 0.58 1.80 -7.08
C LEU A 114 -0.18 3.13 -7.20
N MET A 115 0.36 4.07 -7.98
CA MET A 115 -0.32 5.30 -8.14
C MET A 115 -1.72 5.11 -8.67
N ALA A 116 -1.92 4.23 -9.66
CA ALA A 116 -3.28 4.00 -10.14
C ALA A 116 -4.24 3.54 -9.00
N GLY A 117 -3.75 2.64 -8.16
CA GLY A 117 -4.64 2.19 -7.07
C GLY A 117 -4.83 3.26 -6.06
N VAL A 118 -3.81 4.07 -5.74
CA VAL A 118 -3.98 5.10 -4.72
C VAL A 118 -4.91 6.23 -5.22
N VAL A 119 -4.81 6.48 -6.52
CA VAL A 119 -5.69 7.49 -7.16
C VAL A 119 -7.08 7.04 -7.04
N TYR A 120 -7.28 5.75 -7.27
CA TYR A 120 -8.57 5.19 -7.21
C TYR A 120 -9.18 5.39 -5.76
N LEU A 121 -8.44 4.95 -4.77
CA LEU A 121 -8.88 4.99 -3.35
C LEU A 121 -9.15 6.42 -2.94
N HIS A 122 -8.28 7.33 -3.31
CA HIS A 122 -8.44 8.74 -2.92
C HIS A 122 -9.65 9.32 -3.63
N GLY A 123 -9.86 8.86 -4.84
CA GLY A 123 -11.11 9.24 -5.56
C GLY A 123 -12.45 8.90 -4.90
N ILE A 124 -12.57 7.75 -4.28
CA ILE A 124 -13.71 7.30 -3.55
C ILE A 124 -13.69 7.70 -2.10
N GLY A 125 -12.74 8.58 -1.73
CA GLY A 125 -12.71 9.16 -0.37
C GLY A 125 -12.10 8.22 0.70
N ILE A 126 -11.41 7.16 0.26
CA ILE A 126 -10.71 6.23 1.14
C ILE A 126 -9.23 6.42 1.26
N THR A 127 -8.74 6.53 2.51
CA THR A 127 -7.27 6.49 2.75
C THR A 127 -6.91 5.07 3.28
N HIS A 128 -5.81 4.53 2.78
CA HIS A 128 -5.26 3.23 3.16
C HIS A 128 -4.50 3.22 4.52
N ARG A 129 -3.66 4.23 4.73
CA ARG A 129 -2.94 4.49 6.02
C ARG A 129 -1.87 3.50 6.41
N ASP A 130 -1.67 2.44 5.62
CA ASP A 130 -0.52 1.53 5.84
C ASP A 130 0.05 0.93 4.54
N ILE A 131 0.52 1.80 3.62
CA ILE A 131 1.03 1.43 2.34
C ILE A 131 2.46 1.01 2.61
N LYS A 132 2.75 -0.23 2.29
CA LYS A 132 4.11 -0.80 2.44
C LYS A 132 4.24 -2.07 1.61
N PRO A 133 5.50 -2.54 1.31
CA PRO A 133 5.59 -3.68 0.37
C PRO A 133 4.89 -4.95 0.85
N HIS A 134 4.68 -5.13 2.18
CA HIS A 134 3.87 -6.29 2.61
C HIS A 134 2.38 -6.28 2.23
N ASN A 135 1.87 -5.08 1.97
CA ASN A 135 0.45 -4.82 1.68
C ASN A 135 0.23 -4.62 0.17
N LEU A 136 1.26 -4.83 -0.63
CA LEU A 136 1.16 -4.68 -2.07
C LEU A 136 1.42 -6.04 -2.68
N LEU A 137 0.38 -6.65 -3.21
CA LEU A 137 0.41 -8.06 -3.65
C LEU A 137 0.40 -8.13 -5.17
N LEU A 138 0.79 -9.27 -5.70
CA LEU A 138 1.05 -9.41 -7.12
C LEU A 138 0.26 -10.59 -7.67
N ASP A 139 -0.42 -10.42 -8.80
CA ASP A 139 -1.15 -11.50 -9.44
C ASP A 139 -0.22 -12.32 -10.36
N GLU A 140 -0.80 -13.28 -11.11
CA GLU A 140 0.00 -14.18 -11.98
C GLU A 140 0.79 -13.45 -13.06
N ARG A 141 0.33 -12.26 -13.44
CA ARG A 141 1.02 -11.42 -14.40
C ARG A 141 1.80 -10.27 -13.76
N ASP A 142 2.07 -10.35 -12.46
CA ASP A 142 2.75 -9.30 -11.73
C ASP A 142 2.08 -7.94 -11.70
N ASN A 143 0.77 -7.95 -11.80
CA ASN A 143 0.00 -6.71 -11.53
C ASN A 143 -0.21 -6.51 -10.04
N LEU A 144 -0.08 -5.29 -9.61
CA LEU A 144 0.01 -4.93 -8.21
C LEU A 144 -1.39 -4.61 -7.68
N LYS A 145 -1.71 -5.17 -6.50
CA LYS A 145 -2.99 -5.07 -5.91
C LYS A 145 -2.75 -4.50 -4.48
N ILE A 146 -3.31 -3.34 -4.18
CA ILE A 146 -3.29 -2.80 -2.79
C ILE A 146 -4.20 -3.66 -1.88
N ALA A 147 -3.57 -4.38 -0.93
CA ALA A 147 -4.27 -5.21 0.05
C ALA A 147 -4.34 -4.54 1.49
N ASP A 148 -5.19 -5.12 2.34
CA ASP A 148 -5.29 -4.84 3.76
C ASP A 148 -5.88 -3.50 4.10
N TYR A 149 -7.19 -3.58 4.33
CA TYR A 149 -8.05 -2.42 4.60
C TYR A 149 -8.40 -2.26 6.06
N SER A 150 -7.62 -2.88 6.94
CA SER A 150 -8.01 -2.99 8.34
C SER A 150 -7.65 -1.67 9.02
N LEU A 151 -6.81 -0.79 8.42
CA LEU A 151 -6.59 0.57 8.96
C LEU A 151 -7.21 1.69 8.09
N ALA A 152 -7.86 1.32 6.99
CA ALA A 152 -8.40 2.28 6.02
C ALA A 152 -9.57 3.00 6.62
N THR A 153 -9.78 4.24 6.20
CA THR A 153 -10.83 5.08 6.72
C THR A 153 -11.21 6.12 5.70
N VAL A 154 -12.35 6.73 5.93
CA VAL A 154 -12.93 7.70 5.07
C VAL A 154 -12.35 9.00 5.42
N PHE A 155 -11.83 9.67 4.43
CA PHE A 155 -11.33 11.06 4.60
C PHE A 155 -12.12 12.09 3.79
N ARG A 156 -13.02 11.61 2.91
CA ARG A 156 -13.92 12.52 2.15
C ARG A 156 -15.24 11.87 1.99
N TYR A 157 -16.27 12.63 2.33
CA TYR A 157 -17.61 12.12 2.23
C TYR A 157 -18.52 13.33 1.87
N ASN A 158 -19.42 13.13 0.92
CA ASN A 158 -20.26 14.27 0.44
C ASN A 158 -19.49 15.51 0.02
N ASN A 159 -18.36 15.20 -0.64
CA ASN A 159 -17.35 16.17 -1.14
CA ASN A 159 -17.40 16.20 -1.14
C ASN A 159 -16.77 17.04 -0.03
N ARG A 160 -16.84 16.60 1.23
CA ARG A 160 -16.19 17.38 2.32
C ARG A 160 -15.07 16.59 2.91
N GLU A 161 -13.97 17.26 3.10
CA GLU A 161 -12.76 16.54 3.63
C GLU A 161 -12.79 16.48 5.15
N ARG A 162 -12.32 15.38 5.74
CA ARG A 162 -12.14 15.34 7.17
C ARG A 162 -10.68 15.07 7.45
N LEU A 163 -10.17 15.82 8.38
CA LEU A 163 -8.80 15.70 8.82
C LEU A 163 -8.64 14.49 9.69
N LEU A 164 -7.48 13.85 9.58
CA LEU A 164 -7.17 12.66 10.42
C LEU A 164 -6.40 13.13 11.66
N ASN A 165 -6.52 12.37 12.74
CA ASN A 165 -5.68 12.54 13.92
C ASN A 165 -5.12 11.22 14.47
N LYS A 166 -5.66 10.06 14.11
CA LYS A 166 -5.22 8.79 14.69
C LYS A 166 -3.78 8.51 14.22
N MET A 167 -2.90 8.22 15.19
CA MET A 167 -1.58 7.72 14.87
C MET A 167 -1.63 6.25 14.49
N CYS A 168 -1.31 5.95 13.22
CA CYS A 168 -1.23 4.58 12.79
C CYS A 168 -0.36 4.48 11.55
N GLY A 169 -0.04 3.24 11.26
CA GLY A 169 0.76 2.87 10.08
C GLY A 169 1.97 2.08 10.54
N THR A 170 3.11 2.32 9.90
CA THR A 170 4.39 1.58 10.20
C THR A 170 5.44 2.62 10.22
N LEU A 171 6.14 2.82 11.35
CA LEU A 171 7.09 3.93 11.43
C LEU A 171 8.05 4.24 10.26
N PRO A 172 8.80 3.23 9.69
CA PRO A 172 9.67 3.72 8.59
C PRO A 172 8.90 4.25 7.36
N TYR A 173 7.63 3.90 7.26
CA TYR A 173 6.72 4.39 6.20
C TYR A 173 5.90 5.59 6.52
N VAL A 174 5.89 6.12 7.78
CA VAL A 174 4.88 7.09 8.15
C VAL A 174 5.39 8.47 7.84
N ALA A 175 4.47 9.33 7.49
CA ALA A 175 4.88 10.67 7.14
C ALA A 175 5.18 11.41 8.42
N PRO A 176 6.02 12.43 8.34
CA PRO A 176 6.44 13.20 9.56
C PRO A 176 5.41 13.99 10.27
N GLU A 177 4.41 14.56 9.56
CA GLU A 177 3.31 15.25 10.18
C GLU A 177 2.49 14.40 11.21
N LEU A 178 2.46 13.09 11.03
CA LEU A 178 1.72 12.27 11.99
C LEU A 178 2.46 12.15 13.33
N LEU A 179 3.77 12.34 13.29
CA LEU A 179 4.67 12.47 14.48
C LEU A 179 4.78 13.87 15.09
N LYS A 180 4.34 14.91 14.39
CA LYS A 180 4.54 16.29 14.84
C LYS A 180 3.26 17.09 15.05
N ARG A 181 2.19 16.79 14.33
CA ARG A 181 0.95 17.59 14.37
C ARG A 181 -0.21 16.80 14.94
N ARG A 182 -1.16 17.51 15.53
CA ARG A 182 -2.35 16.91 16.11
C ARG A 182 -3.27 16.40 15.01
N GLU A 183 -3.44 17.22 14.00
CA GLU A 183 -4.25 16.82 12.82
C GLU A 183 -3.50 16.99 11.51
N PHE A 184 -3.96 16.27 10.51
CA PHE A 184 -3.26 16.23 9.23
C PHE A 184 -4.20 15.78 8.10
N HIS A 185 -3.87 16.18 6.88
CA HIS A 185 -4.61 15.70 5.67
C HIS A 185 -4.29 14.27 5.34
N ALA A 186 -5.27 13.52 4.81
CA ALA A 186 -5.05 12.07 4.61
C ALA A 186 -4.13 11.81 3.39
N GLU A 187 -4.33 12.56 2.32
CA GLU A 187 -3.70 12.24 1.03
C GLU A 187 -2.18 12.41 1.06
N PRO A 188 -1.63 13.50 1.65
CA PRO A 188 -0.13 13.57 1.64
C PRO A 188 0.54 12.44 2.42
N VAL A 189 -0.15 11.90 3.40
CA VAL A 189 0.31 10.64 4.12
C VAL A 189 0.45 9.41 3.28
N ASP A 190 -0.53 9.03 2.48
CA ASP A 190 -0.37 7.99 1.56
C ASP A 190 0.64 8.23 0.46
N VAL A 191 0.82 9.47 -0.01
CA VAL A 191 1.81 9.77 -1.01
C VAL A 191 3.23 9.55 -0.44
N TRP A 192 3.47 10.10 0.78
CA TRP A 192 4.78 9.86 1.45
C TRP A 192 5.06 8.37 1.51
N SER A 193 4.14 7.53 2.00
CA SER A 193 4.46 6.14 2.15
C SER A 193 4.78 5.46 0.75
N CYS A 194 4.19 5.98 -0.29
CA CYS A 194 4.47 5.48 -1.69
C CYS A 194 5.92 5.86 -2.07
N GLY A 195 6.37 7.01 -1.61
CA GLY A 195 7.78 7.38 -1.78
C GLY A 195 8.74 6.42 -1.09
N ILE A 196 8.39 6.01 0.11
CA ILE A 196 9.26 5.10 0.87
C ILE A 196 9.24 3.76 0.13
N VAL A 197 8.09 3.34 -0.35
CA VAL A 197 7.97 2.12 -1.21
C VAL A 197 8.95 2.24 -2.38
N LEU A 198 8.91 3.35 -3.06
CA LEU A 198 9.82 3.52 -4.19
C LEU A 198 11.30 3.40 -3.83
N THR A 199 11.69 4.13 -2.77
CA THR A 199 13.04 4.05 -2.27
C THR A 199 13.43 2.58 -2.03
N ALA A 200 12.54 1.81 -1.34
CA ALA A 200 12.84 0.46 -1.10
C ALA A 200 13.04 -0.37 -2.38
N MET A 201 12.14 -0.17 -3.37
CA MET A 201 12.33 -0.88 -4.66
C MET A 201 13.60 -0.50 -5.34
N LEU A 202 14.04 0.75 -5.23
CA LEU A 202 15.18 1.21 -5.96
C LEU A 202 16.53 0.96 -5.22
N ALA A 203 16.51 0.72 -3.93
CA ALA A 203 17.71 0.67 -3.07
C ALA A 203 17.79 -0.57 -2.24
N GLY A 204 16.70 -1.34 -2.12
CA GLY A 204 16.65 -2.55 -1.21
C GLY A 204 16.86 -2.26 0.28
N GLU A 205 16.62 -1.02 0.66
CA GLU A 205 16.69 -0.52 2.04
C GLU A 205 15.86 0.70 2.33
N LEU A 206 15.53 0.84 3.61
CA LEU A 206 14.72 1.92 4.12
C LEU A 206 15.61 3.05 4.56
N PRO A 207 15.22 4.27 4.26
CA PRO A 207 16.11 5.39 4.54
C PRO A 207 16.28 5.83 6.01
N TRP A 208 15.33 5.55 6.85
CA TRP A 208 15.38 5.96 8.23
C TRP A 208 14.42 5.13 9.10
N ASP A 209 14.72 5.11 10.39
CA ASP A 209 13.83 4.44 11.37
C ASP A 209 12.40 5.10 11.44
N GLN A 210 12.38 6.44 11.39
CA GLN A 210 11.19 7.27 11.35
C GLN A 210 11.61 8.69 10.97
N PRO A 211 10.70 9.49 10.42
CA PRO A 211 11.11 10.83 10.00
C PRO A 211 10.95 11.82 11.14
N SER A 212 11.89 11.76 12.08
CA SER A 212 11.85 12.66 13.23
C SER A 212 13.15 13.41 13.28
N ASP A 213 13.08 14.52 13.97
CA ASP A 213 14.24 15.38 14.17
C ASP A 213 15.38 14.72 14.92
N SER A 214 15.08 13.73 15.74
CA SER A 214 16.14 12.98 16.36
C SER A 214 16.84 11.95 15.46
N CYS A 215 16.29 11.62 14.27
CA CYS A 215 16.81 10.48 13.48
C CYS A 215 17.84 11.08 12.54
N GLN A 216 19.12 10.73 12.76
CA GLN A 216 20.19 11.32 12.02
C GLN A 216 19.96 11.05 10.52
N GLU A 217 19.44 9.87 10.18
CA GLU A 217 19.27 9.56 8.70
C GLU A 217 18.22 10.44 7.99
N TYR A 218 17.22 10.94 8.75
CA TYR A 218 16.23 11.86 8.24
C TYR A 218 16.82 13.27 8.15
N SER A 219 17.67 13.70 9.13
CA SER A 219 18.38 15.00 9.04
C SER A 219 19.35 15.14 7.85
N ASP A 220 20.04 14.03 7.57
CA ASP A 220 20.96 13.88 6.44
C ASP A 220 20.18 14.16 5.12
N TRP A 221 18.98 13.60 5.06
CA TRP A 221 18.10 13.83 3.91
C TRP A 221 17.68 15.28 3.79
N LYS A 222 17.20 15.87 4.90
CA LYS A 222 16.81 17.26 4.90
C LYS A 222 17.96 18.20 4.52
N GLU A 223 19.19 17.81 4.86
CA GLU A 223 20.38 18.51 4.42
C GLU A 223 20.97 18.10 3.07
N LYS A 224 20.28 17.30 2.27
CA LYS A 224 20.68 16.99 0.88
C LYS A 224 21.88 16.07 0.67
N LYS A 225 22.22 15.28 1.68
CA LYS A 225 23.43 14.44 1.58
C LYS A 225 23.13 13.14 0.82
N THR A 226 22.89 13.30 -0.48
CA THR A 226 22.45 12.22 -1.35
C THR A 226 23.67 11.49 -1.92
N TYR A 227 24.87 11.88 -1.47
CA TYR A 227 26.09 11.06 -1.64
C TYR A 227 26.14 9.93 -0.66
N LEU A 228 25.21 9.87 0.30
CA LEU A 228 25.03 8.73 1.21
C LEU A 228 23.97 7.75 0.76
N ASN A 229 24.01 6.55 1.30
CA ASN A 229 23.01 5.55 1.00
C ASN A 229 21.74 5.88 1.75
N PRO A 230 20.54 5.42 1.31
CA PRO A 230 20.29 4.70 0.05
C PRO A 230 20.27 5.51 -1.21
N TRP A 231 20.48 6.82 -1.11
CA TRP A 231 20.23 7.75 -2.18
C TRP A 231 21.26 7.59 -3.26
N LYS A 232 22.49 7.24 -2.87
CA LYS A 232 23.58 7.20 -3.87
C LYS A 232 23.36 6.05 -4.89
N LYS A 233 22.51 5.08 -4.55
CA LYS A 233 22.16 3.95 -5.37
C LYS A 233 21.03 4.24 -6.34
N ILE A 234 20.47 5.45 -6.27
CA ILE A 234 19.20 5.79 -7.00
C ILE A 234 19.62 6.79 -8.05
N ASP A 235 19.33 6.44 -9.30
CA ASP A 235 19.67 7.32 -10.41
C ASP A 235 19.05 8.70 -10.22
N SER A 236 19.66 9.73 -10.83
CA SER A 236 19.19 11.09 -10.69
C SER A 236 17.75 11.39 -11.04
N ALA A 237 17.17 10.67 -11.99
CA ALA A 237 15.82 10.91 -12.44
C ALA A 237 14.80 10.44 -11.33
N PRO A 238 14.84 9.13 -10.95
CA PRO A 238 13.96 8.81 -9.84
C PRO A 238 14.27 9.57 -8.56
N LEU A 239 15.54 9.80 -8.28
CA LEU A 239 15.86 10.64 -7.08
C LEU A 239 15.28 12.09 -7.08
N ALA A 240 15.21 12.75 -8.23
CA ALA A 240 14.36 14.00 -8.37
C ALA A 240 12.93 13.87 -7.92
N LEU A 241 12.29 12.78 -8.30
CA LEU A 241 10.97 12.50 -7.94
C LEU A 241 10.94 12.30 -6.41
N LEU A 242 11.90 11.56 -5.84
CA LEU A 242 11.87 11.37 -4.39
C LEU A 242 12.06 12.65 -3.59
N HIS A 243 12.79 13.58 -4.17
CA HIS A 243 12.97 14.94 -3.56
C HIS A 243 11.69 15.74 -3.51
N LYS A 244 10.76 15.44 -4.39
CA LYS A 244 9.49 16.10 -4.40
C LYS A 244 8.45 15.37 -3.51
N ILE A 245 8.57 14.04 -3.39
CA ILE A 245 7.62 13.25 -2.51
C ILE A 245 7.98 13.41 -1.04
N LEU A 246 9.27 13.24 -0.73
CA LEU A 246 9.68 13.18 0.71
C LEU A 246 10.03 14.55 1.27
N VAL A 247 9.04 15.43 1.18
CA VAL A 247 9.17 16.78 1.61
C VAL A 247 8.45 16.80 2.95
N GLU A 248 9.07 17.38 3.94
CA GLU A 248 8.53 17.42 5.31
C GLU A 248 7.22 18.14 5.42
N ASN A 249 7.09 19.36 4.85
CA ASN A 249 5.81 20.09 4.90
C ASN A 249 4.75 19.39 3.97
N PRO A 250 3.73 18.72 4.54
CA PRO A 250 2.76 18.07 3.69
C PRO A 250 1.96 19.02 2.80
N SER A 251 2.00 20.32 3.02
CA SER A 251 1.31 21.21 2.10
C SER A 251 2.08 21.57 0.86
N ALA A 252 3.39 21.35 0.92
CA ALA A 252 4.32 21.64 -0.15
C ALA A 252 4.67 20.40 -0.89
N ARG A 253 4.35 19.23 -0.31
CA ARG A 253 4.65 17.96 -0.87
C ARG A 253 3.91 17.79 -2.18
N ILE A 254 4.59 17.14 -3.15
CA ILE A 254 3.99 16.85 -4.45
C ILE A 254 2.73 16.06 -4.32
N THR A 255 1.71 16.50 -5.08
CA THR A 255 0.51 15.71 -5.20
C THR A 255 0.49 14.71 -6.31
N ILE A 256 -0.51 13.82 -6.32
CA ILE A 256 -0.50 12.81 -7.38
C ILE A 256 -0.63 13.39 -8.78
N PRO A 257 -1.47 14.40 -8.96
CA PRO A 257 -1.52 14.98 -10.30
C PRO A 257 -0.21 15.50 -10.84
N ASP A 258 0.63 16.09 -9.96
CA ASP A 258 1.99 16.46 -10.30
C ASP A 258 3.06 15.34 -10.38
N ILE A 259 2.85 14.23 -9.63
CA ILE A 259 3.69 13.06 -9.85
C ILE A 259 3.47 12.53 -11.28
N LYS A 260 2.22 12.59 -11.73
CA LYS A 260 1.98 12.10 -13.12
C LYS A 260 2.65 12.95 -14.15
N LYS A 261 3.11 14.15 -13.79
CA LYS A 261 3.93 15.01 -14.70
C LYS A 261 5.44 14.96 -14.55
N ASP A 262 5.94 14.09 -13.68
CA ASP A 262 7.33 14.02 -13.39
C ASP A 262 8.08 13.33 -14.53
N ARG A 263 9.29 13.75 -14.70
CA ARG A 263 10.13 13.29 -15.82
C ARG A 263 10.34 11.78 -15.72
N TRP A 264 10.78 11.30 -14.55
CA TRP A 264 10.99 9.86 -14.40
C TRP A 264 9.76 8.99 -14.56
N TYR A 265 8.64 9.47 -14.02
CA TYR A 265 7.41 8.79 -14.10
C TYR A 265 7.02 8.55 -15.55
N ASN A 266 7.32 9.51 -16.42
CA ASN A 266 6.96 9.43 -17.82
C ASN A 266 8.13 8.90 -18.70
N LYS A 267 9.26 8.50 -18.13
CA LYS A 267 10.40 8.01 -18.92
C LYS A 267 10.13 6.61 -19.46
N PRO A 268 10.33 6.39 -20.79
CA PRO A 268 10.06 5.02 -21.23
C PRO A 268 11.24 4.09 -20.80
N LEU A 269 10.95 2.97 -20.14
CA LEU A 269 11.96 2.07 -19.56
C LEU A 269 11.70 0.62 -19.83
N LYS A 270 10.43 0.25 -19.79
CA LYS A 270 10.07 -1.16 -19.70
C LYS A 270 9.31 -1.68 -20.90
N LYS A 271 9.81 -2.80 -21.41
CA LYS A 271 9.23 -3.57 -22.56
C LYS A 271 8.07 -4.44 -22.06
C2 BVI B . -2.56 -13.32 -1.26
C4 BVI B . -3.40 -12.16 0.54
C5 BVI B . -4.49 -11.80 -0.21
C6 BVI B . -4.54 -12.24 -1.52
C7 BVI B . -5.50 -11.01 0.29
N1 BVI B . -3.60 -13.02 -2.06
C8 BVI B . -5.40 -10.59 1.60
C9 BVI B . -4.32 -10.95 2.36
C10 BVI B . -3.30 -11.72 1.84
C11 BVI B . -2.12 -12.13 2.68
C12 BVI B . -1.69 -11.43 3.97
C13 BVI B . -0.85 -11.37 2.75
C15 BVI B . -0.48 -14.57 -1.35
C16 BVI B . 0.17 -15.70 -1.83
C19 BVI B . 0.30 -14.11 -0.28
C20 BVI B . 2.29 -16.88 -1.05
N3 BVI B . -2.43 -12.91 0.02
C21 BVI B . 2.49 -17.53 0.33
C25 BVI B . 3.59 -16.40 -1.64
C22 BVI B . 3.60 -18.51 0.24
C24 BVI B . 4.64 -17.48 -1.63
C26 BVI B . -0.20 -16.62 -2.93
N18 BVI B . 1.36 -14.89 -0.11
N17 BVI B . 1.26 -15.84 -1.03
N14 BVI B . -1.60 -14.08 -1.87
O23 BVI B . 4.81 -17.92 -0.30
C1 EDO C . 11.77 -4.43 1.52
O1 EDO C . 12.53 -5.37 2.30
C2 EDO C . 11.95 -3.04 2.11
O2 EDO C . 13.32 -2.60 2.06
C1 EDO D . -7.67 -8.11 4.25
O1 EDO D . -6.52 -7.85 3.43
C2 EDO D . -8.86 -7.31 3.76
O2 EDO D . -8.85 -5.98 4.31
C1 EDO E . -15.74 10.79 -2.06
O1 EDO E . -15.23 11.20 -3.32
C2 EDO E . -17.09 11.44 -1.71
O2 EDO E . -17.03 12.89 -1.65
C1 EDO F . 10.55 -2.90 9.28
O1 EDO F . 10.41 -4.33 9.38
C2 EDO F . 9.17 -2.30 9.25
O2 EDO F . 8.55 -2.60 7.99
#